data_3Q95
#
_entry.id   3Q95
#
_cell.length_a   56.528
_cell.length_b   81.865
_cell.length_c   58.886
_cell.angle_alpha   90.00
_cell.angle_beta   111.13
_cell.angle_gamma   90.00
#
_symmetry.space_group_name_H-M   'P 1 21 1'
#
loop_
_entity.id
_entity.type
_entity.pdbx_description
1 polymer 'Estrogen receptor'
2 polymer 'Estrogen receptor'
3 polymer 'Nuclear receptor coactivator 2'
4 non-polymer ESTRIOL
5 non-polymer 'CHLORIDE ION'
6 water water
#
loop_
_entity_poly.entity_id
_entity_poly.type
_entity_poly.pdbx_seq_one_letter_code
_entity_poly.pdbx_strand_id
1 'polypeptide(L)'
;SNAIKRSKKNSLALSLTADQMVSALLDAEPPILYSEYDPTRPFSEASMMGLLTNLADRELVHMINWAKRVPGFVDLTLHD
QVHLLE(CME)AWLEILMIGLVWRSMEHPGKLLFAPNLLLDRNQGKCVEGMVEIFDMLLATSSRFRMMNLQGEEFVCLKS
IILLNSGVYTFLSSTLKSLEEKDHIHRVLDKITDTLIHLMAKAGLTLQQQHQRLAQLLLILSHIRHMSNKGMEHLYSMKC
KNVVPLSDLLLEMLDAHRLHAPTS
;
A
2 'polypeptide(L)'
;SNAIKRSKKNSLALSLTADQMVSALLDAEPPILYSEYDPTRPFSEASMMGLLTNLADRELVHMINWAKRVPGFVDLTLHD
QVHLLE(CME)AWLEILMIGLVWRSMEHPGKLLFAPNLLLDRNQGK(CME)VEGMVEIFDMLLATSSRFRMMNLQGEEFV
CLKSIILLNSGVYTFLSSTLKSLEEKDHIHRVLDKITDTLIHLMAKAGLTLQQQHQRLAQLLLILSHIRHMSNKGMEHLY
SMKCKNVVPLSDLLLEMLDAHRLHAPTS
;
B
3 'polypeptide(L)' KHKILHRLLQDSS C,D
#
loop_
_chem_comp.id
_chem_comp.type
_chem_comp.name
_chem_comp.formula
CL non-polymer 'CHLORIDE ION' 'Cl -1'
ESL non-polymer ESTRIOL 'C18 H24 O3'
#
# COMPACT_ATOMS: atom_id res chain seq x y z
N SER A 11 -12.13 -27.44 -4.62
CA SER A 11 -10.80 -26.81 -4.86
C SER A 11 -10.54 -26.64 -6.35
N LEU A 12 -11.61 -26.32 -7.08
CA LEU A 12 -11.55 -26.18 -8.56
C LEU A 12 -10.64 -25.04 -9.01
N ALA A 13 -10.63 -23.96 -8.26
CA ALA A 13 -9.81 -22.78 -8.58
C ALA A 13 -8.32 -23.10 -8.61
N LEU A 14 -7.88 -24.07 -7.80
CA LEU A 14 -6.45 -24.42 -7.75
C LEU A 14 -6.06 -25.42 -8.83
N SER A 15 -7.02 -25.80 -9.67
CA SER A 15 -6.76 -26.74 -10.76
C SER A 15 -6.96 -26.12 -12.14
N LEU A 16 -7.00 -24.79 -12.20
CA LEU A 16 -7.11 -24.07 -13.46
C LEU A 16 -5.75 -23.84 -14.10
N THR A 17 -5.65 -24.03 -15.41
CA THR A 17 -4.49 -23.58 -16.14
C THR A 17 -4.49 -22.05 -16.19
N ALA A 18 -3.35 -21.48 -16.54
CA ALA A 18 -3.23 -20.04 -16.66
C ALA A 18 -4.28 -19.50 -17.63
N ASP A 19 -4.41 -20.14 -18.79
CA ASP A 19 -5.35 -19.70 -19.83
C ASP A 19 -6.78 -19.71 -19.34
N GLN A 20 -7.15 -20.76 -18.61
CA GLN A 20 -8.48 -20.87 -18.03
C GLN A 20 -8.66 -19.84 -16.92
N MET A 21 -7.59 -19.54 -16.20
CA MET A 21 -7.68 -18.54 -15.15
C MET A 21 -8.00 -17.22 -15.81
N VAL A 22 -7.21 -16.89 -16.83
CA VAL A 22 -7.39 -15.62 -17.55
C VAL A 22 -8.78 -15.54 -18.11
N SER A 23 -9.28 -16.63 -18.73
CA SER A 23 -10.62 -16.61 -19.32
C SER A 23 -11.67 -16.30 -18.26
N ALA A 24 -11.62 -17.02 -17.16
CA ALA A 24 -12.55 -16.84 -16.05
C ALA A 24 -12.65 -15.39 -15.56
N LEU A 25 -11.51 -14.73 -15.44
CA LEU A 25 -11.47 -13.36 -14.94
C LEU A 25 -12.01 -12.38 -15.98
N LEU A 26 -11.66 -12.59 -17.26
CA LEU A 26 -12.24 -11.76 -18.34
C LEU A 26 -13.76 -11.88 -18.39
N ASP A 27 -14.26 -13.11 -18.38
CA ASP A 27 -15.71 -13.33 -18.36
C ASP A 27 -16.38 -12.67 -17.15
N ALA A 28 -15.67 -12.58 -16.05
CA ALA A 28 -16.25 -12.07 -14.82
C ALA A 28 -16.43 -10.53 -14.83
N GLU A 29 -15.81 -9.84 -15.79
CA GLU A 29 -15.68 -8.38 -15.71
C GLU A 29 -17.02 -7.64 -15.73
N PRO A 30 -17.25 -6.74 -14.78
CA PRO A 30 -18.51 -6.01 -14.71
C PRO A 30 -18.63 -5.02 -15.85
N PRO A 31 -19.86 -4.57 -16.15
CA PRO A 31 -20.06 -3.62 -17.25
C PRO A 31 -19.66 -2.21 -16.85
N ILE A 32 -19.46 -1.33 -17.82
CA ILE A 32 -19.15 0.08 -17.52
C ILE A 32 -20.45 0.83 -17.42
N LEU A 33 -20.73 1.44 -16.26
CA LEU A 33 -22.00 2.10 -16.02
C LEU A 33 -21.93 3.60 -16.34
N TYR A 34 -23.11 4.16 -16.60
CA TYR A 34 -23.27 5.56 -16.88
C TYR A 34 -23.66 6.28 -15.63
N SER A 35 -23.18 7.50 -15.51
CA SER A 35 -23.54 8.39 -14.41
C SER A 35 -24.84 9.06 -14.74
N GLU A 36 -25.50 9.61 -13.73
CA GLU A 36 -26.74 10.34 -13.96
C GLU A 36 -26.46 11.80 -14.29
N TYR A 37 -25.28 12.05 -14.86
CA TYR A 37 -24.86 13.40 -15.17
C TYR A 37 -25.83 14.11 -16.14
N ASP A 38 -26.26 15.29 -15.76
CA ASP A 38 -27.13 16.12 -16.58
C ASP A 38 -26.35 17.37 -16.91
N PRO A 39 -25.90 17.48 -18.18
CA PRO A 39 -25.14 18.64 -18.66
C PRO A 39 -25.84 19.96 -18.42
N THR A 40 -27.15 19.95 -18.28
CA THR A 40 -27.90 21.17 -18.00
C THR A 40 -27.97 21.48 -16.51
N ARG A 41 -27.14 20.81 -15.71
CA ARG A 41 -27.08 21.12 -14.31
C ARG A 41 -25.67 21.56 -13.94
N PRO A 42 -25.50 22.84 -13.57
CA PRO A 42 -24.22 23.38 -13.18
C PRO A 42 -23.66 22.70 -11.95
N PHE A 43 -22.41 22.27 -12.05
CA PHE A 43 -21.70 21.61 -10.96
C PHE A 43 -21.70 22.40 -9.65
N SER A 44 -21.91 21.67 -8.55
CA SER A 44 -21.62 22.16 -7.20
C SER A 44 -20.93 21.03 -6.41
N GLU A 45 -20.45 21.35 -5.23
CA GLU A 45 -19.87 20.37 -4.34
C GLU A 45 -20.86 19.24 -4.06
N ALA A 46 -22.08 19.59 -3.71
CA ALA A 46 -23.12 18.59 -3.45
C ALA A 46 -23.45 17.74 -4.68
N SER A 47 -23.60 18.35 -5.84
CA SER A 47 -24.00 17.60 -7.02
C SER A 47 -22.87 16.69 -7.49
N MET A 48 -21.65 17.17 -7.46
CA MET A 48 -20.52 16.35 -7.88
C MET A 48 -20.41 15.13 -6.95
N MET A 49 -20.40 15.37 -5.64
CA MET A 49 -20.33 14.24 -4.69
C MET A 49 -21.54 13.33 -4.85
N GLY A 50 -22.67 13.92 -5.19
CA GLY A 50 -23.89 13.18 -5.51
C GLY A 50 -23.68 12.24 -6.69
N LEU A 51 -23.09 12.76 -7.75
CA LEU A 51 -22.85 11.93 -8.94
C LEU A 51 -21.90 10.81 -8.64
N LEU A 52 -20.81 11.10 -7.92
CA LEU A 52 -19.76 10.10 -7.72
C LEU A 52 -20.22 9.00 -6.78
N THR A 53 -20.96 9.36 -5.74
CA THR A 53 -21.44 8.38 -4.78
C THR A 53 -22.59 7.54 -5.34
N ASN A 54 -23.47 8.15 -6.12
CA ASN A 54 -24.52 7.42 -6.79
C ASN A 54 -23.92 6.34 -7.72
N LEU A 55 -22.87 6.72 -8.45
CA LEU A 55 -22.24 5.83 -9.39
C LEU A 55 -21.59 4.70 -8.62
N ALA A 56 -20.79 5.06 -7.63
CA ALA A 56 -20.08 4.08 -6.82
C ALA A 56 -21.06 3.11 -6.19
N ASP A 57 -22.17 3.63 -5.70
CA ASP A 57 -23.23 2.80 -5.12
C ASP A 57 -23.80 1.82 -6.13
N ARG A 58 -23.98 2.24 -7.38
CA ARG A 58 -24.40 1.30 -8.43
C ARG A 58 -23.33 0.27 -8.80
N GLU A 59 -22.08 0.67 -8.79
CA GLU A 59 -20.98 -0.27 -9.08
C GLU A 59 -20.75 -1.30 -8.00
N LEU A 60 -21.02 -0.97 -6.75
CA LEU A 60 -20.84 -1.92 -5.66
C LEU A 60 -21.62 -3.21 -5.87
N VAL A 61 -22.83 -3.08 -6.39
CA VAL A 61 -23.66 -4.25 -6.67
C VAL A 61 -23.01 -5.12 -7.75
N HIS A 62 -22.46 -4.52 -8.78
CA HIS A 62 -21.83 -5.31 -9.82
C HIS A 62 -20.55 -5.91 -9.30
N MET A 63 -19.87 -5.16 -8.46
CA MET A 63 -18.62 -5.65 -7.88
C MET A 63 -18.86 -6.90 -7.03
N ILE A 64 -19.96 -6.93 -6.31
CA ILE A 64 -20.30 -8.09 -5.48
C ILE A 64 -20.51 -9.29 -6.34
N ASN A 65 -21.12 -9.08 -7.49
CA ASN A 65 -21.36 -10.18 -8.39
C ASN A 65 -20.08 -10.61 -9.10
N TRP A 66 -19.19 -9.66 -9.39
CA TRP A 66 -17.88 -10.00 -9.96
C TRP A 66 -17.02 -10.82 -8.97
N ALA A 67 -17.10 -10.48 -7.70
CA ALA A 67 -16.28 -11.12 -6.69
C ALA A 67 -16.61 -12.62 -6.67
N LYS A 68 -17.90 -12.94 -6.71
CA LYS A 68 -18.36 -14.33 -6.67
C LYS A 68 -17.80 -15.19 -7.83
N ARG A 69 -17.36 -14.54 -8.90
CA ARG A 69 -16.86 -15.21 -10.11
CA ARG A 69 -16.86 -15.25 -10.09
C ARG A 69 -15.34 -15.29 -10.11
N VAL A 70 -14.69 -14.72 -9.11
CA VAL A 70 -13.25 -14.77 -9.02
C VAL A 70 -12.95 -16.13 -8.43
N PRO A 71 -12.17 -16.94 -9.16
CA PRO A 71 -11.97 -18.30 -8.66
C PRO A 71 -11.43 -18.29 -7.22
N GLY A 72 -11.97 -19.19 -6.41
CA GLY A 72 -11.58 -19.29 -5.01
C GLY A 72 -12.51 -18.55 -4.08
N PHE A 73 -13.01 -17.39 -4.50
CA PHE A 73 -13.77 -16.52 -3.58
C PHE A 73 -15.00 -17.21 -2.98
N VAL A 74 -15.78 -17.93 -3.79
CA VAL A 74 -16.96 -18.62 -3.26
C VAL A 74 -16.62 -19.78 -2.34
N ASP A 75 -15.37 -20.24 -2.36
CA ASP A 75 -14.94 -21.30 -1.43
C ASP A 75 -14.72 -20.78 -0.03
N LEU A 76 -14.57 -19.46 0.15
CA LEU A 76 -14.44 -18.88 1.49
C LEU A 76 -15.78 -18.82 2.21
N THR A 77 -15.74 -18.75 3.54
CA THR A 77 -16.95 -18.56 4.28
C THR A 77 -17.52 -17.18 4.00
N LEU A 78 -18.83 -17.07 4.13
CA LEU A 78 -19.53 -15.82 3.96
C LEU A 78 -18.91 -14.69 4.76
N HIS A 79 -18.47 -14.99 5.98
CA HIS A 79 -17.92 -13.92 6.83
C HIS A 79 -16.56 -13.43 6.33
N ASP A 80 -15.81 -14.34 5.72
CA ASP A 80 -14.55 -14.00 5.06
C ASP A 80 -14.80 -13.16 3.82
N GLN A 81 -15.81 -13.55 3.05
CA GLN A 81 -16.16 -12.85 1.84
C GLN A 81 -16.50 -11.41 2.14
N VAL A 82 -17.34 -11.19 3.16
CA VAL A 82 -17.73 -9.84 3.65
C VAL A 82 -16.49 -8.99 4.05
N HIS A 83 -15.56 -9.58 4.81
CA HIS A 83 -14.36 -8.90 5.25
C HIS A 83 -13.47 -8.45 4.07
N LEU A 84 -13.21 -9.34 3.11
CA LEU A 84 -12.39 -8.97 1.95
C LEU A 84 -13.00 -7.81 1.18
N LEU A 85 -14.31 -7.85 0.98
CA LEU A 85 -14.97 -6.80 0.24
C LEU A 85 -15.01 -5.48 1.01
N GLU A 86 -15.28 -5.54 2.30
CA GLU A 86 -15.25 -4.33 3.13
C GLU A 86 -13.90 -3.66 3.06
N CME A 87 -12.83 -4.46 3.18
CA CME A 87 -11.46 -3.93 3.04
CB CME A 87 -10.48 -5.07 3.35
SG CME A 87 -10.54 -5.46 5.07
SD CME A 87 -10.51 -3.70 6.05
CE CME A 87 -12.18 -3.19 6.33
CZ CME A 87 -12.52 -3.19 7.80
OH CME A 87 -12.56 -4.53 8.34
C CME A 87 -11.10 -3.34 1.69
O CME A 87 -10.42 -2.31 1.61
N ALA A 88 -11.55 -3.97 0.61
CA ALA A 88 -11.03 -3.68 -0.73
C ALA A 88 -11.90 -2.81 -1.64
N TRP A 89 -13.15 -2.54 -1.28
CA TRP A 89 -14.08 -2.02 -2.29
C TRP A 89 -13.59 -0.72 -2.98
N LEU A 90 -12.92 0.17 -2.25
CA LEU A 90 -12.57 1.46 -2.82
C LEU A 90 -11.31 1.29 -3.65
N GLU A 91 -10.45 0.36 -3.26
CA GLU A 91 -9.26 0.06 -4.05
C GLU A 91 -9.71 -0.48 -5.38
N ILE A 92 -10.78 -1.27 -5.35
CA ILE A 92 -11.27 -1.92 -6.57
C ILE A 92 -11.95 -0.88 -7.49
N LEU A 93 -12.72 0.03 -6.91
CA LEU A 93 -13.30 1.12 -7.67
C LEU A 93 -12.18 1.97 -8.31
N MET A 94 -11.14 2.22 -7.54
CA MET A 94 -10.09 3.08 -8.01
C MET A 94 -9.27 2.44 -9.12
N ILE A 95 -8.96 1.15 -9.00
CA ILE A 95 -8.20 0.54 -10.06
C ILE A 95 -9.02 0.42 -11.35
N GLY A 96 -10.31 0.14 -11.26
CA GLY A 96 -11.18 0.22 -12.43
C GLY A 96 -11.24 1.63 -13.06
N LEU A 97 -11.42 2.65 -12.25
CA LEU A 97 -11.33 4.02 -12.73
C LEU A 97 -10.02 4.32 -13.46
N VAL A 98 -8.92 3.87 -12.90
CA VAL A 98 -7.60 4.23 -13.40
C VAL A 98 -7.40 3.55 -14.75
N TRP A 99 -7.82 2.30 -14.83
CA TRP A 99 -7.82 1.56 -16.08
C TRP A 99 -8.73 2.20 -17.14
N ARG A 100 -9.95 2.55 -16.79
CA ARG A 100 -10.84 3.19 -17.79
C ARG A 100 -10.19 4.45 -18.33
N SER A 101 -9.38 5.11 -17.51
CA SER A 101 -8.89 6.46 -17.80
C SER A 101 -7.56 6.47 -18.56
N MET A 102 -6.95 5.31 -18.69
CA MET A 102 -5.59 5.19 -19.21
C MET A 102 -5.43 5.91 -20.54
N GLU A 103 -6.47 5.92 -21.34
CA GLU A 103 -6.39 6.46 -22.70
C GLU A 103 -6.88 7.93 -22.80
N HIS A 104 -7.11 8.57 -21.65
CA HIS A 104 -7.54 9.99 -21.60
C HIS A 104 -6.65 10.83 -20.68
N PRO A 105 -5.42 11.09 -21.12
CA PRO A 105 -4.48 11.88 -20.33
C PRO A 105 -5.08 13.13 -19.70
N GLY A 106 -4.76 13.36 -18.44
CA GLY A 106 -5.24 14.54 -17.76
C GLY A 106 -6.69 14.45 -17.35
N LYS A 107 -7.35 13.33 -17.63
CA LYS A 107 -8.75 13.18 -17.27
C LYS A 107 -9.08 11.86 -16.58
N LEU A 108 -10.11 11.90 -15.73
CA LEU A 108 -10.66 10.70 -15.09
C LEU A 108 -12.05 10.37 -15.66
N LEU A 109 -12.16 9.15 -16.19
CA LEU A 109 -13.37 8.69 -16.85
C LEU A 109 -14.19 7.92 -15.85
N PHE A 110 -14.89 8.64 -14.98
CA PHE A 110 -15.72 7.99 -13.99
C PHE A 110 -16.78 7.18 -14.70
N ALA A 111 -17.35 7.78 -15.73
CA ALA A 111 -18.24 7.09 -16.64
C ALA A 111 -18.02 7.68 -18.02
N PRO A 112 -18.52 7.04 -19.06
CA PRO A 112 -18.40 7.58 -20.42
C PRO A 112 -19.03 8.96 -20.58
N ASN A 113 -20.08 9.27 -19.81
CA ASN A 113 -20.67 10.62 -19.84
C ASN A 113 -20.15 11.52 -18.71
N LEU A 114 -19.14 11.04 -17.99
CA LEU A 114 -18.59 11.80 -16.88
C LEU A 114 -17.08 11.68 -16.86
N LEU A 115 -16.45 12.62 -17.53
CA LEU A 115 -15.01 12.68 -17.70
C LEU A 115 -14.59 13.96 -17.01
N LEU A 116 -13.79 13.85 -15.95
CA LEU A 116 -13.40 15.04 -15.16
C LEU A 116 -11.89 15.26 -15.22
N ASP A 117 -11.53 16.54 -15.26
CA ASP A 117 -10.15 16.94 -15.11
C ASP A 117 -9.93 17.49 -13.70
N ARG A 118 -8.67 17.80 -13.39
CA ARG A 118 -8.29 18.16 -12.02
C ARG A 118 -8.96 19.44 -11.56
N ASN A 119 -9.25 20.35 -12.49
CA ASN A 119 -9.87 21.61 -12.10
C ASN A 119 -11.31 21.42 -11.65
N GLN A 120 -11.98 20.45 -12.24
CA GLN A 120 -13.33 20.11 -11.83
C GLN A 120 -13.33 19.40 -10.46
N GLY A 121 -12.25 18.72 -10.13
CA GLY A 121 -12.10 18.14 -8.80
C GLY A 121 -12.03 19.19 -7.71
N LYS A 122 -11.58 20.38 -8.06
CA LYS A 122 -11.47 21.48 -7.10
C LYS A 122 -12.83 21.94 -6.65
N CYS A 123 -13.88 21.44 -7.30
CA CYS A 123 -15.24 21.81 -6.93
C CYS A 123 -15.57 21.25 -5.53
N VAL A 124 -14.95 20.12 -5.17
CA VAL A 124 -15.19 19.47 -3.88
C VAL A 124 -13.97 19.65 -2.98
N GLU A 125 -14.22 20.14 -1.77
CA GLU A 125 -13.17 20.38 -0.80
C GLU A 125 -12.34 19.11 -0.56
N GLY A 126 -11.03 19.22 -0.69
CA GLY A 126 -10.10 18.12 -0.37
C GLY A 126 -9.97 17.05 -1.44
N MET A 127 -10.67 17.19 -2.54
CA MET A 127 -10.74 16.07 -3.50
C MET A 127 -9.62 16.10 -4.52
N VAL A 128 -9.11 17.30 -4.82
CA VAL A 128 -8.17 17.46 -5.94
C VAL A 128 -6.87 16.73 -5.69
N GLU A 129 -6.50 16.57 -4.43
CA GLU A 129 -5.29 15.82 -4.11
C GLU A 129 -5.48 14.33 -4.41
N ILE A 130 -6.71 13.85 -4.26
CA ILE A 130 -7.02 12.47 -4.59
C ILE A 130 -7.00 12.32 -6.11
N PHE A 131 -7.56 13.31 -6.81
CA PHE A 131 -7.59 13.28 -8.28
C PHE A 131 -6.20 13.21 -8.82
N ASP A 132 -5.33 14.08 -8.30
CA ASP A 132 -3.95 14.13 -8.76
C ASP A 132 -3.27 12.77 -8.62
N MET A 133 -3.56 12.04 -7.55
CA MET A 133 -2.92 10.74 -7.37
C MET A 133 -3.50 9.71 -8.31
N LEU A 134 -4.82 9.81 -8.51
CA LEU A 134 -5.49 8.89 -9.43
C LEU A 134 -5.01 9.13 -10.87
N LEU A 135 -4.94 10.40 -11.27
CA LEU A 135 -4.33 10.78 -12.55
C LEU A 135 -2.89 10.32 -12.72
N ALA A 136 -2.09 10.47 -11.66
CA ALA A 136 -0.72 9.98 -11.70
C ALA A 136 -0.64 8.46 -11.92
N THR A 137 -1.56 7.72 -11.31
CA THR A 137 -1.57 6.26 -11.44
C THR A 137 -1.94 5.83 -12.86
N SER A 138 -2.88 6.54 -13.49
N SER A 138 -2.87 6.56 -13.47
CA SER A 138 -3.22 6.19 -14.87
CA SER A 138 -3.27 6.30 -14.84
C SER A 138 -2.07 6.52 -15.81
C SER A 138 -2.10 6.53 -15.79
N SER A 139 -1.37 7.61 -15.54
CA SER A 139 -0.17 7.94 -16.30
C SER A 139 0.86 6.82 -16.23
N ARG A 140 1.02 6.22 -15.05
CA ARG A 140 1.96 5.12 -14.86
C ARG A 140 1.54 3.88 -15.64
N PHE A 141 0.25 3.57 -15.58
CA PHE A 141 -0.36 2.50 -16.36
C PHE A 141 -0.05 2.67 -17.86
N ARG A 142 -0.16 3.90 -18.33
CA ARG A 142 0.08 4.21 -19.74
C ARG A 142 1.56 4.06 -20.14
N MET A 143 2.46 4.56 -19.30
CA MET A 143 3.90 4.31 -19.43
C MET A 143 4.22 2.81 -19.52
N MET A 144 3.58 2.02 -18.68
CA MET A 144 3.88 0.59 -18.60
C MET A 144 3.25 -0.22 -19.70
N ASN A 145 2.36 0.41 -20.44
CA ASN A 145 1.51 -0.26 -21.40
C ASN A 145 0.74 -1.42 -20.75
N LEU A 146 0.07 -1.13 -19.64
CA LEU A 146 -0.73 -2.14 -18.96
C LEU A 146 -1.76 -2.78 -19.90
N GLN A 147 -1.79 -4.10 -19.94
CA GLN A 147 -2.74 -4.88 -20.76
C GLN A 147 -3.98 -5.32 -19.96
N GLY A 148 -5.11 -5.48 -20.65
CA GLY A 148 -6.38 -5.89 -20.04
C GLY A 148 -6.30 -7.20 -19.25
N GLU A 149 -5.53 -8.16 -19.77
CA GLU A 149 -5.33 -9.43 -19.03
C GLU A 149 -4.52 -9.25 -17.75
N GLU A 150 -3.60 -8.29 -17.73
CA GLU A 150 -2.84 -7.96 -16.52
C GLU A 150 -3.74 -7.25 -15.52
N PHE A 151 -4.56 -6.33 -16.01
CA PHE A 151 -5.51 -5.60 -15.16
C PHE A 151 -6.48 -6.50 -14.41
N VAL A 152 -7.04 -7.51 -15.05
CA VAL A 152 -8.02 -8.36 -14.37
C VAL A 152 -7.35 -9.25 -13.34
N CYS A 153 -6.06 -9.59 -13.55
CA CYS A 153 -5.30 -10.28 -12.51
C CYS A 153 -5.05 -9.35 -11.34
N LEU A 154 -4.67 -8.11 -11.61
CA LEU A 154 -4.38 -7.16 -10.55
C LEU A 154 -5.60 -6.91 -9.67
N LYS A 155 -6.75 -6.73 -10.32
CA LYS A 155 -8.01 -6.46 -9.60
C LYS A 155 -8.37 -7.62 -8.64
N SER A 156 -8.16 -8.85 -9.11
CA SER A 156 -8.45 -10.00 -8.30
CA SER A 156 -8.37 -10.05 -8.33
C SER A 156 -7.43 -10.09 -7.15
N ILE A 157 -6.17 -9.77 -7.43
CA ILE A 157 -5.17 -9.78 -6.36
C ILE A 157 -5.58 -8.79 -5.25
N ILE A 158 -6.02 -7.61 -5.64
CA ILE A 158 -6.49 -6.63 -4.65
C ILE A 158 -7.61 -7.19 -3.77
N LEU A 159 -8.58 -7.85 -4.39
CA LEU A 159 -9.69 -8.42 -3.63
C LEU A 159 -9.20 -9.46 -2.62
N LEU A 160 -8.28 -10.31 -3.04
CA LEU A 160 -7.84 -11.41 -2.19
C LEU A 160 -6.78 -10.97 -1.18
N ASN A 161 -6.03 -9.92 -1.50
CA ASN A 161 -4.93 -9.53 -0.62
C ASN A 161 -5.34 -8.54 0.45
N SER A 162 -6.12 -7.54 0.07
N SER A 162 -6.29 -7.67 0.13
CA SER A 162 -6.54 -6.52 0.99
CA SER A 162 -6.67 -6.51 0.93
C SER A 162 -7.56 -7.17 1.89
C SER A 162 -6.78 -6.73 2.43
N GLY A 163 -7.19 -7.28 3.16
N GLY A 163 -7.61 -7.69 2.80
CA GLY A 163 -8.04 -7.91 4.14
CA GLY A 163 -7.96 -7.89 4.19
C GLY A 163 -7.53 -9.25 4.63
C GLY A 163 -7.49 -9.24 4.66
N VAL A 164 -6.60 -9.87 3.89
CA VAL A 164 -6.14 -11.22 4.22
C VAL A 164 -5.35 -11.29 5.52
N TYR A 165 -4.79 -10.16 5.96
CA TYR A 165 -4.01 -10.12 7.20
C TYR A 165 -4.70 -9.41 8.37
N THR A 166 -5.86 -8.80 8.11
CA THR A 166 -6.60 -8.09 9.16
C THR A 166 -7.79 -8.93 9.66
N PHE A 167 -7.80 -10.20 9.27
CA PHE A 167 -8.85 -11.12 9.68
C PHE A 167 -8.87 -11.27 11.20
N LEU A 168 -10.03 -11.04 11.81
CA LEU A 168 -10.19 -11.24 13.25
C LEU A 168 -10.70 -12.67 13.56
N SER A 169 -10.14 -13.27 14.61
CA SER A 169 -10.28 -14.71 14.79
C SER A 169 -10.38 -15.11 16.26
N LEU A 172 -9.57 -20.40 15.70
CA LEU A 172 -10.48 -21.36 15.05
C LEU A 172 -9.79 -22.07 13.88
N LYS A 173 -10.49 -22.16 12.74
CA LYS A 173 -9.92 -22.70 11.50
C LYS A 173 -9.38 -21.57 10.64
N SER A 174 -9.43 -20.36 11.18
CA SER A 174 -8.97 -19.16 10.49
C SER A 174 -7.68 -19.41 9.71
N LEU A 175 -6.70 -20.03 10.37
CA LEU A 175 -5.41 -20.28 9.72
C LEU A 175 -5.60 -21.07 8.43
N GLU A 176 -6.17 -22.27 8.58
CA GLU A 176 -6.43 -23.18 7.47
C GLU A 176 -7.21 -22.48 6.34
N GLU A 177 -8.13 -21.60 6.72
CA GLU A 177 -8.96 -20.88 5.76
C GLU A 177 -8.14 -19.91 4.92
N LYS A 178 -7.23 -19.18 5.60
CA LYS A 178 -6.35 -18.22 4.95
C LYS A 178 -5.38 -18.92 4.01
N ASP A 179 -4.99 -20.14 4.37
CA ASP A 179 -4.09 -20.93 3.52
C ASP A 179 -4.62 -21.05 2.10
N HIS A 180 -5.94 -21.20 1.97
CA HIS A 180 -6.57 -21.32 0.66
C HIS A 180 -6.43 -20.02 -0.16
N ILE A 181 -6.61 -18.88 0.51
CA ILE A 181 -6.44 -17.58 -0.12
C ILE A 181 -5.03 -17.43 -0.71
N HIS A 182 -4.01 -17.81 0.06
CA HIS A 182 -2.62 -17.69 -0.41
C HIS A 182 -2.31 -18.62 -1.58
N ARG A 183 -2.94 -19.79 -1.60
CA ARG A 183 -2.80 -20.67 -2.76
C ARG A 183 -3.37 -20.04 -4.03
N VAL A 184 -4.50 -19.35 -3.92
CA VAL A 184 -5.08 -18.71 -5.09
C VAL A 184 -4.22 -17.54 -5.57
N LEU A 185 -3.75 -16.75 -4.62
CA LEU A 185 -2.88 -15.63 -4.94
C LEU A 185 -1.70 -16.17 -5.73
N ASP A 186 -1.17 -17.33 -5.34
CA ASP A 186 -0.03 -17.96 -6.02
C ASP A 186 -0.39 -18.34 -7.45
N LYS A 187 -1.59 -18.87 -7.65
CA LYS A 187 -2.11 -19.17 -8.98
C LYS A 187 -2.22 -17.93 -9.87
N ILE A 188 -2.68 -16.82 -9.30
CA ILE A 188 -2.76 -15.60 -10.06
C ILE A 188 -1.36 -15.12 -10.44
N THR A 189 -0.43 -15.23 -9.51
CA THR A 189 0.95 -14.92 -9.78
C THR A 189 1.46 -15.72 -10.99
N ASP A 190 1.24 -17.03 -10.97
CA ASP A 190 1.65 -17.91 -12.07
C ASP A 190 1.02 -17.46 -13.39
N THR A 191 -0.25 -17.07 -13.33
CA THR A 191 -0.98 -16.62 -14.50
C THR A 191 -0.38 -15.35 -15.13
N LEU A 192 0.01 -14.39 -14.30
CA LEU A 192 0.68 -13.16 -14.75
C LEU A 192 1.98 -13.47 -15.46
N ILE A 193 2.79 -14.33 -14.84
CA ILE A 193 4.05 -14.74 -15.43
C ILE A 193 3.78 -15.40 -16.78
N HIS A 194 2.79 -16.27 -16.82
CA HIS A 194 2.35 -16.92 -18.06
C HIS A 194 2.06 -15.90 -19.16
N LEU A 195 1.25 -14.90 -18.82
CA LEU A 195 0.93 -13.80 -19.72
C LEU A 195 2.19 -13.13 -20.28
N MET A 196 3.12 -12.81 -19.40
CA MET A 196 4.32 -12.06 -19.77
C MET A 196 5.27 -12.92 -20.59
N ALA A 197 5.36 -14.20 -20.23
CA ALA A 197 6.16 -15.14 -21.00
C ALA A 197 5.58 -15.26 -22.40
N LYS A 198 4.27 -15.30 -22.50
CA LYS A 198 3.59 -15.44 -23.79
C LYS A 198 3.77 -14.23 -24.68
N ALA A 199 3.90 -13.05 -24.07
CA ALA A 199 4.15 -11.81 -24.81
C ALA A 199 5.62 -11.61 -25.21
N GLY A 200 6.48 -12.60 -24.95
CA GLY A 200 7.89 -12.53 -25.35
C GLY A 200 8.91 -11.94 -24.39
N LEU A 201 8.52 -11.66 -23.14
CA LEU A 201 9.48 -11.10 -22.15
C LEU A 201 10.43 -12.18 -21.67
N THR A 202 11.70 -11.84 -21.52
CA THR A 202 12.68 -12.78 -20.99
C THR A 202 12.37 -12.98 -19.51
N LEU A 203 12.99 -14.00 -18.93
CA LEU A 203 12.82 -14.30 -17.51
C LEU A 203 13.01 -13.07 -16.63
N GLN A 204 14.14 -12.40 -16.84
CA GLN A 204 14.48 -11.22 -16.09
C GLN A 204 13.41 -10.13 -16.22
N GLN A 205 12.97 -9.88 -17.43
CA GLN A 205 11.93 -8.88 -17.66
C GLN A 205 10.60 -9.29 -17.04
N GLN A 206 10.38 -10.61 -16.93
CA GLN A 206 9.15 -11.11 -16.37
C GLN A 206 9.08 -10.79 -14.88
N HIS A 207 10.17 -11.06 -14.16
CA HIS A 207 10.20 -10.77 -12.72
CA HIS A 207 10.15 -10.78 -12.72
C HIS A 207 10.11 -9.27 -12.48
N GLN A 208 10.74 -8.49 -13.38
CA GLN A 208 10.76 -7.02 -13.24
C GLN A 208 9.39 -6.36 -13.42
N ARG A 209 8.66 -6.82 -14.43
CA ARG A 209 7.32 -6.34 -14.67
C ARG A 209 6.35 -6.83 -13.61
N LEU A 210 6.52 -8.07 -13.17
CA LEU A 210 5.70 -8.54 -12.07
C LEU A 210 5.84 -7.60 -10.84
N ALA A 211 7.06 -7.25 -10.48
CA ALA A 211 7.31 -6.36 -9.34
C ALA A 211 6.74 -4.96 -9.54
N GLN A 212 6.98 -4.37 -10.70
CA GLN A 212 6.42 -3.06 -11.03
C GLN A 212 4.91 -3.06 -10.89
N LEU A 213 4.27 -4.15 -11.29
CA LEU A 213 2.82 -4.25 -11.22
C LEU A 213 2.32 -4.29 -9.77
N LEU A 214 2.99 -5.08 -8.94
CA LEU A 214 2.60 -5.31 -7.58
C LEU A 214 2.97 -4.10 -6.73
N LEU A 215 4.03 -3.38 -7.11
CA LEU A 215 4.38 -2.18 -6.39
C LEU A 215 3.36 -1.06 -6.61
N ILE A 216 2.61 -1.09 -7.70
CA ILE A 216 1.53 -0.12 -7.89
C ILE A 216 0.41 -0.31 -6.86
N LEU A 217 0.24 -1.53 -6.38
CA LEU A 217 -0.82 -1.83 -5.42
C LEU A 217 -0.65 -1.11 -4.13
N SER A 218 0.62 -0.86 -3.77
CA SER A 218 0.94 -0.06 -2.60
CA SER A 218 0.91 -0.08 -2.59
C SER A 218 0.35 1.34 -2.71
N HIS A 219 0.47 1.92 -3.88
CA HIS A 219 -0.02 3.28 -4.15
C HIS A 219 -1.55 3.29 -4.18
N ILE A 220 -2.11 2.22 -4.71
CA ILE A 220 -3.55 2.07 -4.77
C ILE A 220 -4.09 1.94 -3.36
N ARG A 221 -3.38 1.21 -2.50
CA ARG A 221 -3.77 1.15 -1.09
C ARG A 221 -3.75 2.55 -0.45
N HIS A 222 -2.68 3.29 -0.68
CA HIS A 222 -2.53 4.60 -0.09
C HIS A 222 -3.66 5.52 -0.57
N MET A 223 -3.91 5.51 -1.87
CA MET A 223 -5.01 6.32 -2.41
C MET A 223 -6.34 5.96 -1.78
N SER A 224 -6.61 4.67 -1.60
CA SER A 224 -7.85 4.21 -0.95
C SER A 224 -7.96 4.70 0.48
N ASN A 225 -6.84 4.67 1.21
CA ASN A 225 -6.82 5.17 2.56
C ASN A 225 -7.14 6.66 2.61
N LYS A 226 -6.56 7.42 1.70
CA LYS A 226 -6.86 8.86 1.60
C LYS A 226 -8.28 9.11 1.12
N GLY A 227 -8.74 8.34 0.15
CA GLY A 227 -10.09 8.56 -0.36
C GLY A 227 -11.13 8.24 0.68
N MET A 228 -10.81 7.26 1.51
CA MET A 228 -11.73 6.82 2.52
C MET A 228 -11.93 7.90 3.57
N GLU A 229 -10.85 8.55 4.01
CA GLU A 229 -10.94 9.66 4.97
C GLU A 229 -11.66 10.85 4.37
N HIS A 230 -11.47 11.04 3.06
CA HIS A 230 -12.17 12.12 2.40
C HIS A 230 -13.67 11.87 2.35
N LEU A 231 -14.05 10.67 1.95
CA LEU A 231 -15.47 10.30 1.94
C LEU A 231 -16.09 10.49 3.31
N TYR A 232 -15.37 10.07 4.34
CA TYR A 232 -15.89 10.19 5.70
C TYR A 232 -16.06 11.65 6.08
N SER A 233 -15.16 12.51 5.62
CA SER A 233 -15.26 13.95 5.86
C SER A 233 -16.49 14.53 5.17
N MET A 234 -16.79 14.00 3.98
CA MET A 234 -17.98 14.44 3.26
C MET A 234 -19.26 14.05 4.02
N LYS A 235 -19.32 12.81 4.48
CA LYS A 235 -20.42 12.33 5.30
C LYS A 235 -20.65 13.21 6.53
N CYS A 236 -19.59 13.45 7.28
CA CYS A 236 -19.66 14.32 8.44
C CYS A 236 -20.14 15.72 8.14
N LYS A 237 -19.76 16.25 7.00
CA LYS A 237 -20.19 17.61 6.62
C LYS A 237 -21.60 17.62 6.04
N ASN A 238 -22.22 16.45 5.94
CA ASN A 238 -23.54 16.32 5.35
C ASN A 238 -23.61 16.90 3.94
N VAL A 239 -22.50 16.83 3.21
CA VAL A 239 -22.43 17.37 1.85
C VAL A 239 -23.45 16.68 0.96
N VAL A 240 -23.47 15.36 1.06
CA VAL A 240 -24.35 14.53 0.27
C VAL A 240 -24.91 13.42 1.14
N PRO A 241 -26.18 13.03 0.90
CA PRO A 241 -26.71 11.84 1.54
C PRO A 241 -26.11 10.61 0.89
N LEU A 242 -25.57 9.73 1.71
CA LEU A 242 -24.95 8.52 1.23
C LEU A 242 -25.95 7.39 1.32
N SER A 243 -25.88 6.47 0.36
CA SER A 243 -26.71 5.29 0.35
C SER A 243 -26.36 4.37 1.52
N ASP A 244 -27.30 3.52 1.90
CA ASP A 244 -27.09 2.60 3.00
C ASP A 244 -25.96 1.58 2.78
N LEU A 245 -25.78 1.09 1.56
CA LEU A 245 -24.69 0.15 1.28
C LEU A 245 -23.34 0.85 1.42
N LEU A 246 -23.23 2.01 0.78
CA LEU A 246 -22.01 2.79 0.83
C LEU A 246 -21.64 3.18 2.27
N LEU A 247 -22.63 3.60 3.05
CA LEU A 247 -22.44 3.85 4.48
C LEU A 247 -21.88 2.64 5.22
N GLU A 248 -22.45 1.47 4.97
CA GLU A 248 -21.99 0.28 5.63
C GLU A 248 -20.55 0.00 5.21
N MET A 249 -20.30 0.13 3.90
CA MET A 249 -18.98 -0.08 3.34
C MET A 249 -17.95 0.85 4.01
N LEU A 250 -18.33 2.12 4.17
CA LEU A 250 -17.49 3.14 4.80
C LEU A 250 -17.29 2.93 6.29
N ASP A 251 -18.38 2.67 6.99
CA ASP A 251 -18.33 2.43 8.42
C ASP A 251 -17.50 1.20 8.79
N ALA A 252 -17.40 0.21 7.91
CA ALA A 252 -16.56 -0.96 8.18
C ALA A 252 -15.08 -0.58 8.41
N HIS A 253 -14.64 0.55 7.86
CA HIS A 253 -13.29 1.04 8.11
C HIS A 253 -13.13 1.79 9.45
N ARG A 254 -14.23 1.96 10.16
CA ARG A 254 -14.19 2.47 11.52
C ARG A 254 -13.29 3.70 11.64
N LEU A 255 -13.52 4.71 10.79
CA LEU A 255 -12.75 5.96 10.90
C LEU A 255 -13.30 6.83 12.03
N HIS A 256 -12.40 7.55 12.69
CA HIS A 256 -12.79 8.42 13.81
C HIS A 256 -14.07 7.95 14.49
N ARG B 6 22.86 12.55 -20.76
CA ARG B 6 22.21 11.43 -20.00
C ARG B 6 22.85 11.26 -18.62
N SER B 7 22.45 12.12 -17.68
CA SER B 7 23.20 12.30 -16.44
C SER B 7 23.12 11.13 -15.45
N LYS B 8 21.93 10.56 -15.24
CA LYS B 8 21.75 9.54 -14.20
C LYS B 8 22.00 8.10 -14.68
N LYS B 9 22.24 7.94 -15.97
CA LYS B 9 22.72 6.66 -16.48
C LYS B 9 24.14 6.39 -15.98
N ASN B 10 24.79 7.42 -15.43
CA ASN B 10 26.12 7.28 -14.83
C ASN B 10 26.10 6.87 -13.35
N SER B 11 24.96 6.40 -12.87
CA SER B 11 24.85 6.01 -11.47
C SER B 11 25.57 4.69 -11.20
N LEU B 12 26.42 4.69 -10.18
CA LEU B 12 27.18 3.51 -9.76
C LEU B 12 26.29 2.30 -9.46
N ALA B 13 25.09 2.56 -8.97
CA ALA B 13 24.13 1.52 -8.59
C ALA B 13 23.92 0.48 -9.69
N LEU B 14 23.89 0.94 -10.93
CA LEU B 14 23.48 0.10 -12.04
C LEU B 14 24.50 -0.98 -12.38
N SER B 15 25.78 -0.74 -12.10
CA SER B 15 26.82 -1.73 -12.45
C SER B 15 27.05 -2.74 -11.33
N LEU B 16 26.38 -2.57 -10.21
CA LEU B 16 26.50 -3.52 -9.12
C LEU B 16 25.96 -4.89 -9.52
N THR B 17 26.67 -5.94 -9.12
CA THR B 17 26.12 -7.28 -9.19
C THR B 17 25.20 -7.49 -8.00
N ALA B 18 24.47 -8.60 -8.05
CA ALA B 18 23.55 -9.01 -6.99
C ALA B 18 24.26 -9.05 -5.64
N ASP B 19 25.38 -9.77 -5.58
CA ASP B 19 26.15 -9.90 -4.33
C ASP B 19 26.67 -8.56 -3.82
N GLN B 20 27.11 -7.70 -4.73
CA GLN B 20 27.60 -6.41 -4.33
C GLN B 20 26.45 -5.55 -3.84
N MET B 21 25.29 -5.64 -4.49
CA MET B 21 24.10 -4.94 -3.98
C MET B 21 23.75 -5.39 -2.55
N VAL B 22 23.76 -6.70 -2.33
CA VAL B 22 23.41 -7.25 -1.02
C VAL B 22 24.38 -6.76 0.03
N SER B 23 25.67 -6.85 -0.28
CA SER B 23 26.71 -6.34 0.60
C SER B 23 26.57 -4.85 0.88
N ALA B 24 26.29 -4.04 -0.13
CA ALA B 24 26.05 -2.61 0.11
C ALA B 24 24.89 -2.39 1.11
N LEU B 25 23.85 -3.20 1.00
CA LEU B 25 22.65 -2.95 1.82
C LEU B 25 22.82 -3.44 3.25
N LEU B 26 23.46 -4.58 3.44
CA LEU B 26 23.74 -5.09 4.79
C LEU B 26 24.63 -4.08 5.52
N ASP B 27 25.64 -3.62 4.80
CA ASP B 27 26.56 -2.69 5.39
C ASP B 27 25.93 -1.31 5.66
N ALA B 28 24.82 -0.98 5.00
CA ALA B 28 24.12 0.30 5.27
C ALA B 28 23.28 0.27 6.54
N GLU B 29 23.01 -0.92 7.07
CA GLU B 29 22.05 -1.10 8.17
C GLU B 29 22.25 -0.18 9.37
N PRO B 30 21.18 0.47 9.84
CA PRO B 30 21.30 1.31 11.02
C PRO B 30 21.49 0.50 12.30
N PRO B 31 22.05 1.10 13.34
CA PRO B 31 22.15 0.43 14.63
C PRO B 31 20.80 0.21 15.31
N ILE B 32 20.77 -0.74 16.25
CA ILE B 32 19.64 -1.00 17.10
C ILE B 32 19.74 -0.10 18.33
N LEU B 33 18.75 0.77 18.55
CA LEU B 33 18.80 1.70 19.68
C LEU B 33 18.04 1.18 20.86
N TYR B 34 18.36 1.73 22.03
CA TYR B 34 17.72 1.35 23.26
C TYR B 34 16.73 2.43 23.65
N SER B 35 15.78 2.04 24.48
CA SER B 35 14.88 2.97 25.14
C SER B 35 15.46 3.34 26.51
N GLU B 36 14.70 4.14 27.24
CA GLU B 36 15.01 4.47 28.64
C GLU B 36 15.13 3.22 29.53
N TYR B 37 16.04 3.28 30.49
CA TYR B 37 16.24 2.17 31.42
C TYR B 37 15.29 2.23 32.62
N ASP B 38 14.44 3.26 32.65
CA ASP B 38 13.35 3.32 33.65
C ASP B 38 12.46 2.07 33.61
N PRO B 39 12.40 1.33 34.72
CA PRO B 39 11.55 0.14 34.86
C PRO B 39 10.18 0.43 35.47
N THR B 40 9.75 1.70 35.41
CA THR B 40 8.53 2.14 36.10
C THR B 40 7.26 1.76 35.36
N ARG B 41 6.57 0.78 35.90
CA ARG B 41 5.41 0.21 35.27
C ARG B 41 4.27 -0.19 36.23
N PRO B 42 3.01 0.30 35.74
CA PRO B 42 2.82 -0.03 34.29
C PRO B 42 2.96 1.33 33.61
N PHE B 43 3.06 1.37 32.28
CA PHE B 43 3.15 2.63 31.57
C PHE B 43 1.81 3.35 31.55
N SER B 44 1.85 4.67 31.65
CA SER B 44 0.69 5.50 31.34
C SER B 44 0.66 5.75 29.83
N GLU B 45 -0.47 6.27 29.35
CA GLU B 45 -0.60 6.67 27.96
C GLU B 45 0.52 7.63 27.54
N ALA B 46 0.78 8.64 28.37
CA ALA B 46 1.74 9.70 28.04
C ALA B 46 3.18 9.20 28.14
N SER B 47 3.46 8.31 29.08
CA SER B 47 4.82 7.79 29.23
C SER B 47 5.17 6.85 28.09
N MET B 48 4.23 6.01 27.68
CA MET B 48 4.49 5.11 26.55
C MET B 48 4.69 5.90 25.24
N MET B 49 3.81 6.85 24.98
CA MET B 49 3.94 7.65 23.78
C MET B 49 5.27 8.41 23.79
N GLY B 50 5.66 8.92 24.97
CA GLY B 50 6.96 9.54 25.18
C GLY B 50 8.09 8.60 24.79
N LEU B 51 8.06 7.37 25.29
CA LEU B 51 9.08 6.36 24.95
C LEU B 51 9.09 6.07 23.45
N LEU B 52 7.92 5.79 22.87
CA LEU B 52 7.89 5.46 21.44
C LEU B 52 8.36 6.59 20.56
N THR B 53 7.98 7.82 20.89
CA THR B 53 8.31 8.92 19.99
C THR B 53 9.73 9.39 20.17
N ASN B 54 10.26 9.22 21.38
CA ASN B 54 11.66 9.53 21.61
C ASN B 54 12.55 8.58 20.81
N LEU B 55 12.16 7.30 20.80
CA LEU B 55 12.86 6.27 20.00
C LEU B 55 12.76 6.54 18.48
N ALA B 56 11.55 6.80 17.98
CA ALA B 56 11.39 7.14 16.58
C ALA B 56 12.26 8.32 16.19
N ASP B 57 12.28 9.34 17.04
CA ASP B 57 13.04 10.52 16.70
C ASP B 57 14.54 10.19 16.54
N ARG B 58 15.07 9.37 17.45
CA ARG B 58 16.46 9.04 17.39
C ARG B 58 16.74 8.09 16.23
N GLU B 59 15.79 7.23 15.90
CA GLU B 59 15.95 6.33 14.76
C GLU B 59 15.94 7.08 13.43
N LEU B 60 15.21 8.20 13.36
CA LEU B 60 15.12 8.92 12.11
C LEU B 60 16.48 9.44 11.66
N VAL B 61 17.32 9.84 12.61
CA VAL B 61 18.62 10.37 12.27
C VAL B 61 19.48 9.28 11.62
N HIS B 62 19.42 8.07 12.15
CA HIS B 62 20.14 6.93 11.58
C HIS B 62 19.47 6.45 10.29
N MET B 63 18.15 6.64 10.15
CA MET B 63 17.49 6.25 8.92
C MET B 63 18.03 7.11 7.76
N ILE B 64 18.26 8.38 8.02
CA ILE B 64 18.84 9.23 6.98
C ILE B 64 20.22 8.76 6.54
N ASN B 65 21.12 8.42 7.47
CA ASN B 65 22.43 7.89 7.07
C ASN B 65 22.33 6.59 6.30
N TRP B 66 21.34 5.79 6.66
CA TRP B 66 21.11 4.52 5.96
C TRP B 66 20.69 4.85 4.55
N ALA B 67 19.77 5.81 4.42
CA ALA B 67 19.18 6.11 3.09
C ALA B 67 20.27 6.53 2.09
N LYS B 68 21.18 7.39 2.52
CA LYS B 68 22.26 7.90 1.69
C LYS B 68 23.25 6.80 1.31
N ARG B 69 23.19 5.66 1.97
CA ARG B 69 24.02 4.51 1.61
C ARG B 69 23.31 3.45 0.77
N VAL B 70 22.04 3.69 0.44
CA VAL B 70 21.28 2.80 -0.44
C VAL B 70 21.66 3.16 -1.87
N PRO B 71 22.17 2.17 -2.63
CA PRO B 71 22.77 2.50 -3.91
C PRO B 71 21.77 3.22 -4.81
N GLY B 72 22.16 4.38 -5.30
CA GLY B 72 21.32 5.16 -6.17
C GLY B 72 20.57 6.29 -5.47
N PHE B 73 20.47 6.26 -4.15
CA PHE B 73 19.84 7.38 -3.43
C PHE B 73 20.65 8.68 -3.55
N VAL B 74 21.98 8.58 -3.55
CA VAL B 74 22.81 9.79 -3.60
C VAL B 74 22.73 10.49 -4.95
N ASP B 75 22.33 9.76 -5.99
CA ASP B 75 22.24 10.34 -7.32
C ASP B 75 21.03 11.23 -7.49
N LEU B 76 20.11 11.16 -6.54
CA LEU B 76 18.92 11.98 -6.56
C LEU B 76 19.21 13.36 -6.04
N THR B 77 18.42 14.33 -6.46
CA THR B 77 18.51 15.69 -5.95
C THR B 77 18.04 15.71 -4.51
N LEU B 78 18.37 16.76 -3.79
CA LEU B 78 17.98 16.86 -2.40
C LEU B 78 16.44 16.84 -2.25
N HIS B 79 15.74 17.52 -3.15
CA HIS B 79 14.28 17.56 -3.06
C HIS B 79 13.62 16.19 -3.24
N ASP B 80 14.15 15.40 -4.17
CA ASP B 80 13.67 14.06 -4.40
C ASP B 80 13.96 13.17 -3.20
N GLN B 81 15.12 13.35 -2.57
CA GLN B 81 15.47 12.60 -1.39
C GLN B 81 14.53 12.95 -0.25
N VAL B 82 14.25 14.22 -0.08
CA VAL B 82 13.32 14.67 0.93
C VAL B 82 11.94 14.06 0.69
N HIS B 83 11.47 14.13 -0.54
CA HIS B 83 10.13 13.66 -0.85
C HIS B 83 10.01 12.15 -0.57
N LEU B 84 11.02 11.37 -0.94
CA LEU B 84 10.96 9.97 -0.64
C LEU B 84 10.96 9.62 0.86
N LEU B 85 11.77 10.30 1.65
CA LEU B 85 11.81 10.03 3.07
C LEU B 85 10.56 10.51 3.76
N GLU B 86 10.10 11.72 3.42
CA GLU B 86 8.85 12.21 4.00
C GLU B 86 7.70 11.22 3.75
N CME B 87 7.65 10.65 2.57
CA CME B 87 6.60 9.69 2.24
CB CME B 87 6.59 9.39 0.75
CB CME B 87 6.51 9.47 0.73
SG CME B 87 5.93 10.68 -0.25
SG CME B 87 5.22 8.32 0.30
SD CME B 87 5.23 12.17 0.90
SD CME B 87 3.47 9.30 0.56
CE CME B 87 3.46 11.99 0.93
CE CME B 87 3.64 10.98 -0.01
CZ CME B 87 3.03 10.73 0.16
CZ CME B 87 3.16 12.02 1.02
OH CME B 87 2.48 9.77 1.08
OH CME B 87 4.14 12.26 2.05
C CME B 87 6.79 8.38 2.98
O CME B 87 5.82 7.81 3.49
N ALA B 88 8.03 7.88 3.06
CA ALA B 88 8.30 6.52 3.53
C ALA B 88 8.70 6.31 5.00
N TRP B 89 8.90 7.37 5.79
CA TRP B 89 9.64 7.21 7.06
C TRP B 89 8.99 6.26 8.06
N LEU B 90 7.66 6.34 8.21
CA LEU B 90 6.98 5.50 9.16
C LEU B 90 6.83 4.09 8.64
N GLU B 91 6.63 3.91 7.33
CA GLU B 91 6.69 2.54 6.76
C GLU B 91 8.05 1.90 7.04
N ILE B 92 9.10 2.70 6.88
CA ILE B 92 10.44 2.21 7.15
C ILE B 92 10.68 1.85 8.62
N LEU B 93 10.20 2.68 9.53
CA LEU B 93 10.30 2.33 10.94
C LEU B 93 9.54 1.04 11.21
N MET B 94 8.35 0.92 10.62
CA MET B 94 7.49 -0.25 10.88
C MET B 94 8.15 -1.52 10.37
N ILE B 95 8.72 -1.49 9.18
CA ILE B 95 9.27 -2.75 8.64
C ILE B 95 10.46 -3.14 9.49
N GLY B 96 11.22 -2.16 9.99
CA GLY B 96 12.34 -2.44 10.93
C GLY B 96 11.85 -3.09 12.21
N LEU B 97 10.78 -2.51 12.75
CA LEU B 97 10.16 -3.06 13.96
C LEU B 97 9.70 -4.52 13.78
N VAL B 98 8.96 -4.76 12.70
CA VAL B 98 8.43 -6.10 12.43
C VAL B 98 9.54 -7.12 12.23
N TRP B 99 10.62 -6.72 11.58
CA TRP B 99 11.79 -7.61 11.41
C TRP B 99 12.43 -8.01 12.74
N ARG B 100 12.70 -7.01 13.60
CA ARG B 100 13.27 -7.27 14.92
C ARG B 100 12.36 -8.13 15.79
N SER B 101 11.04 -8.00 15.57
CA SER B 101 10.08 -8.69 16.43
C SER B 101 9.83 -10.15 16.02
N MET B 102 10.38 -10.55 14.88
CA MET B 102 10.14 -11.89 14.36
C MET B 102 10.41 -12.98 15.40
N GLU B 103 11.56 -12.91 16.06
CA GLU B 103 11.98 -13.94 17.00
C GLU B 103 11.21 -13.88 18.32
N HIS B 104 10.25 -12.98 18.45
CA HIS B 104 9.48 -12.87 19.67
C HIS B 104 8.01 -12.86 19.29
N PRO B 105 7.47 -14.05 18.96
CA PRO B 105 6.08 -14.17 18.54
C PRO B 105 5.16 -13.55 19.58
N GLY B 106 4.17 -12.81 19.13
CA GLY B 106 3.24 -12.16 20.05
C GLY B 106 3.74 -10.90 20.71
N LYS B 107 4.96 -10.48 20.40
CA LYS B 107 5.51 -9.27 20.99
C LYS B 107 6.12 -8.35 19.95
N LEU B 108 6.15 -7.06 20.26
CA LEU B 108 6.86 -6.07 19.45
C LEU B 108 8.12 -5.58 20.17
N LEU B 109 9.27 -5.92 19.60
CA LEU B 109 10.55 -5.51 20.17
C LEU B 109 10.86 -4.11 19.64
N PHE B 110 10.38 -3.10 20.34
CA PHE B 110 10.67 -1.72 19.94
C PHE B 110 12.14 -1.36 20.16
N ALA B 111 12.72 -1.92 21.23
CA ALA B 111 14.14 -1.84 21.52
C ALA B 111 14.48 -3.11 22.30
N PRO B 112 15.76 -3.42 22.49
CA PRO B 112 16.03 -4.64 23.24
C PRO B 112 15.54 -4.56 24.66
N ASN B 113 15.43 -3.34 25.20
CA ASN B 113 14.89 -3.15 26.53
C ASN B 113 13.44 -2.66 26.56
N LEU B 114 12.71 -2.86 25.46
CA LEU B 114 11.32 -2.41 25.36
C LEU B 114 10.58 -3.34 24.43
N LEU B 115 10.28 -4.51 24.97
CA LEU B 115 9.55 -5.56 24.31
C LEU B 115 8.15 -5.50 24.85
N LEU B 116 7.22 -4.99 24.05
CA LEU B 116 5.83 -4.80 24.46
C LEU B 116 4.89 -5.88 23.91
N ASP B 117 4.08 -6.44 24.80
CA ASP B 117 3.07 -7.43 24.44
C ASP B 117 1.81 -6.71 24.01
N ARG B 118 0.86 -7.46 23.43
CA ARG B 118 -0.37 -6.88 22.90
C ARG B 118 -1.12 -5.99 23.89
N ASN B 119 -1.15 -6.42 25.14
CA ASN B 119 -1.91 -5.72 26.18
C ASN B 119 -1.37 -4.35 26.48
N GLN B 120 -0.08 -4.15 26.27
CA GLN B 120 0.52 -2.86 26.51
C GLN B 120 0.13 -1.85 25.42
N GLY B 121 -0.35 -2.35 24.29
CA GLY B 121 -0.94 -1.49 23.27
C GLY B 121 -2.15 -0.74 23.81
N LYS B 122 -2.87 -1.36 24.72
CA LYS B 122 -4.07 -0.78 25.31
C LYS B 122 -3.78 0.46 26.14
N CME B 123 -2.53 0.67 26.54
CA CME B 123 -2.14 1.85 27.34
CB CME B 123 -0.64 1.87 27.65
SG CME B 123 -0.06 0.34 28.34
SD CME B 123 -1.01 0.03 30.08
CE CME B 123 -0.86 -1.67 30.54
CZ CME B 123 -1.56 -2.56 29.53
OH CME B 123 -2.98 -2.58 29.76
C CME B 123 -2.50 3.14 26.62
O CME B 123 -2.88 4.13 27.25
N VAL B 124 -2.36 3.14 25.30
CA VAL B 124 -2.58 4.34 24.50
C VAL B 124 -3.85 4.20 23.66
N GLU B 125 -4.74 5.17 23.79
CA GLU B 125 -6.00 5.11 23.06
C GLU B 125 -5.76 5.01 21.54
N GLY B 126 -6.46 4.07 20.92
CA GLY B 126 -6.40 3.86 19.48
C GLY B 126 -5.20 3.07 18.97
N MET B 127 -4.36 2.56 19.87
CA MET B 127 -3.13 1.94 19.41
C MET B 127 -3.20 0.42 19.30
N VAL B 128 -4.17 -0.17 19.98
CA VAL B 128 -4.27 -1.62 19.95
C VAL B 128 -4.50 -2.14 18.51
N GLU B 129 -5.25 -1.38 17.72
CA GLU B 129 -5.52 -1.75 16.34
C GLU B 129 -4.22 -1.84 15.57
N ILE B 130 -3.35 -0.86 15.78
CA ILE B 130 -2.07 -0.77 15.08
C ILE B 130 -1.14 -1.90 15.54
N PHE B 131 -1.09 -2.09 16.85
CA PHE B 131 -0.36 -3.18 17.45
C PHE B 131 -0.72 -4.50 16.80
N ASP B 132 -2.02 -4.76 16.66
CA ASP B 132 -2.49 -6.03 16.10
C ASP B 132 -2.06 -6.24 14.67
N MET B 133 -2.06 -5.16 13.88
CA MET B 133 -1.56 -5.21 12.53
C MET B 133 -0.07 -5.48 12.41
N LEU B 134 0.72 -4.86 13.27
CA LEU B 134 2.17 -5.06 13.26
C LEU B 134 2.49 -6.48 13.68
N LEU B 135 1.83 -6.93 14.73
CA LEU B 135 1.94 -8.31 15.19
C LEU B 135 1.65 -9.31 14.09
N ALA B 136 0.60 -9.04 13.32
CA ALA B 136 0.19 -9.92 12.21
C ALA B 136 1.23 -9.97 11.10
N THR B 137 1.75 -8.81 10.77
CA THR B 137 2.80 -8.67 9.77
C THR B 137 4.04 -9.46 10.22
N SER B 138 4.40 -9.31 11.50
CA SER B 138 5.56 -10.01 12.05
C SER B 138 5.42 -11.52 11.92
N SER B 139 4.25 -12.01 12.31
CA SER B 139 3.93 -13.44 12.15
C SER B 139 3.92 -13.89 10.68
N ARG B 140 3.45 -13.05 9.75
CA ARG B 140 3.50 -13.43 8.35
C ARG B 140 4.95 -13.59 7.90
N PHE B 141 5.81 -12.68 8.31
CA PHE B 141 7.23 -12.77 7.94
C PHE B 141 7.90 -13.98 8.59
N ARG B 142 7.53 -14.25 9.83
CA ARG B 142 8.05 -15.46 10.50
C ARG B 142 7.57 -16.73 9.76
N MET B 143 6.28 -16.80 9.43
CA MET B 143 5.74 -17.94 8.66
C MET B 143 6.48 -18.16 7.34
N MET B 144 7.00 -17.08 6.78
CA MET B 144 7.67 -17.14 5.47
C MET B 144 9.15 -17.40 5.57
N ASN B 145 9.66 -17.43 6.80
CA ASN B 145 11.10 -17.54 7.04
CA ASN B 145 11.09 -17.54 7.02
C ASN B 145 11.85 -16.43 6.29
N LEU B 146 11.36 -15.21 6.45
CA LEU B 146 12.07 -14.06 5.88
C LEU B 146 13.53 -14.03 6.33
N GLN B 147 14.41 -13.90 5.36
CA GLN B 147 15.83 -13.82 5.62
C GLN B 147 16.30 -12.37 5.66
N GLY B 148 17.35 -12.13 6.46
CA GLY B 148 17.97 -10.84 6.62
C GLY B 148 18.27 -10.16 5.30
N GLU B 149 18.81 -10.93 4.36
CA GLU B 149 19.13 -10.40 3.04
C GLU B 149 17.87 -9.97 2.25
N GLU B 150 16.74 -10.65 2.43
CA GLU B 150 15.49 -10.26 1.79
C GLU B 150 14.93 -9.00 2.47
N PHE B 151 15.08 -8.93 3.78
CA PHE B 151 14.60 -7.78 4.54
C PHE B 151 15.24 -6.47 4.07
N VAL B 152 16.56 -6.45 3.91
CA VAL B 152 17.24 -5.21 3.51
C VAL B 152 16.81 -4.77 2.11
N CYS B 153 16.59 -5.73 1.21
CA CYS B 153 15.99 -5.39 -0.08
C CYS B 153 14.61 -4.78 0.06
N LEU B 154 13.76 -5.37 0.88
CA LEU B 154 12.41 -4.85 1.00
C LEU B 154 12.40 -3.46 1.59
N LYS B 155 13.32 -3.17 2.49
CA LYS B 155 13.32 -1.87 3.15
C LYS B 155 13.75 -0.75 2.18
N SER B 156 14.70 -1.07 1.30
CA SER B 156 15.15 -0.13 0.29
CA SER B 156 15.15 -0.14 0.29
C SER B 156 14.07 0.09 -0.77
N ILE B 157 13.34 -0.96 -1.11
CA ILE B 157 12.22 -0.84 -2.05
C ILE B 157 11.17 0.12 -1.56
N ILE B 158 10.78 -0.03 -0.31
CA ILE B 158 9.91 0.94 0.35
C ILE B 158 10.40 2.37 0.17
N LEU B 159 11.69 2.59 0.43
CA LEU B 159 12.26 3.93 0.37
C LEU B 159 12.09 4.52 -1.04
N LEU B 160 12.43 3.72 -2.06
CA LEU B 160 12.43 4.21 -3.46
C LEU B 160 11.03 4.26 -4.06
N ASN B 161 10.15 3.36 -3.62
CA ASN B 161 8.85 3.17 -4.24
C ASN B 161 7.74 4.03 -3.65
N SER B 162 7.76 4.23 -2.35
CA SER B 162 6.58 4.78 -1.72
C SER B 162 6.15 6.15 -2.24
N GLY B 163 7.09 7.04 -2.45
CA GLY B 163 6.79 8.39 -2.89
C GLY B 163 6.98 8.60 -4.39
N VAL B 164 7.33 7.55 -5.13
CA VAL B 164 7.67 7.73 -6.55
C VAL B 164 6.49 8.15 -7.45
N TYR B 165 5.26 7.88 -7.01
CA TYR B 165 4.09 8.26 -7.84
C TYR B 165 3.45 9.55 -7.43
N THR B 166 4.14 10.29 -6.55
CA THR B 166 3.65 11.58 -6.09
C THR B 166 4.61 12.72 -6.43
N PHE B 167 5.49 12.48 -7.41
CA PHE B 167 6.38 13.52 -7.98
C PHE B 167 5.61 14.23 -9.09
N LEU B 168 4.77 15.18 -8.70
CA LEU B 168 3.90 15.88 -9.64
C LEU B 168 4.54 17.19 -10.08
N SER B 169 4.28 17.64 -11.31
CA SER B 169 4.82 18.92 -11.75
C SER B 169 4.23 20.01 -10.88
N SER B 170 4.96 21.11 -10.73
CA SER B 170 4.62 22.12 -9.73
C SER B 170 3.37 22.93 -10.09
N THR B 171 3.10 23.05 -11.39
CA THR B 171 1.90 23.78 -11.85
C THR B 171 0.78 22.86 -12.36
N LEU B 172 1.09 22.04 -13.37
CA LEU B 172 0.08 21.12 -13.94
C LEU B 172 -0.21 19.93 -13.02
N LYS B 173 0.69 19.65 -12.10
CA LYS B 173 0.55 18.50 -11.24
C LYS B 173 0.50 17.18 -12.04
N SER B 174 1.27 17.13 -13.12
CA SER B 174 1.38 15.91 -13.92
C SER B 174 2.53 15.05 -13.40
N LEU B 175 2.35 13.73 -13.43
CA LEU B 175 3.38 12.82 -12.90
C LEU B 175 4.68 13.08 -13.64
N GLU B 176 5.76 13.25 -12.89
CA GLU B 176 7.09 13.36 -13.49
C GLU B 176 7.66 11.97 -13.62
N GLU B 177 8.28 11.69 -14.76
CA GLU B 177 8.95 10.41 -15.00
C GLU B 177 10.23 10.39 -14.15
N LYS B 178 10.50 9.25 -13.52
CA LYS B 178 11.68 9.08 -12.69
C LYS B 178 12.41 7.81 -13.09
N ASP B 179 13.04 7.84 -14.27
CA ASP B 179 13.61 6.65 -14.88
C ASP B 179 14.65 6.03 -13.98
N HIS B 180 15.45 6.88 -13.34
CA HIS B 180 16.54 6.38 -12.51
C HIS B 180 16.00 5.56 -11.34
N ILE B 181 15.04 6.11 -10.63
CA ILE B 181 14.45 5.42 -9.48
C ILE B 181 13.94 4.07 -9.96
N HIS B 182 13.26 4.05 -11.09
CA HIS B 182 12.68 2.81 -11.59
C HIS B 182 13.77 1.83 -12.01
N ARG B 183 14.88 2.32 -12.57
CA ARG B 183 15.98 1.42 -12.92
C ARG B 183 16.58 0.78 -11.65
N VAL B 184 16.68 1.55 -10.57
CA VAL B 184 17.23 1.05 -9.31
C VAL B 184 16.31 -0.01 -8.73
N LEU B 185 15.02 0.29 -8.67
CA LEU B 185 14.01 -0.67 -8.17
C LEU B 185 14.09 -2.00 -8.94
N ASP B 186 14.32 -1.92 -10.25
CA ASP B 186 14.45 -3.11 -11.09
C ASP B 186 15.71 -3.90 -10.69
N LYS B 187 16.82 -3.19 -10.45
CA LYS B 187 18.04 -3.81 -9.87
C LYS B 187 17.82 -4.49 -8.52
N ILE B 188 17.03 -3.86 -7.65
CA ILE B 188 16.67 -4.48 -6.37
C ILE B 188 15.81 -5.74 -6.54
N THR B 189 14.88 -5.71 -7.49
CA THR B 189 14.10 -6.91 -7.84
C THR B 189 15.01 -8.05 -8.34
N ASP B 190 15.98 -7.75 -9.18
CA ASP B 190 16.90 -8.80 -9.63
C ASP B 190 17.66 -9.41 -8.44
N THR B 191 17.98 -8.56 -7.47
CA THR B 191 18.77 -8.98 -6.32
C THR B 191 17.97 -9.92 -5.45
N LEU B 192 16.70 -9.59 -5.26
CA LEU B 192 15.77 -10.44 -4.51
C LEU B 192 15.65 -11.80 -5.19
N ILE B 193 15.52 -11.77 -6.50
CA ILE B 193 15.36 -13.03 -7.23
C ILE B 193 16.64 -13.86 -7.15
N HIS B 194 17.79 -13.19 -7.27
CA HIS B 194 19.08 -13.89 -7.10
C HIS B 194 19.17 -14.56 -5.72
N LEU B 195 18.71 -13.89 -4.66
CA LEU B 195 18.75 -14.47 -3.30
C LEU B 195 17.87 -15.72 -3.19
N MET B 196 16.69 -15.68 -3.78
CA MET B 196 15.82 -16.86 -3.80
C MET B 196 16.37 -18.01 -4.64
N ALA B 197 17.02 -17.69 -5.75
CA ALA B 197 17.69 -18.71 -6.52
C ALA B 197 18.84 -19.31 -5.71
N LYS B 198 19.65 -18.45 -5.08
CA LYS B 198 20.74 -18.88 -4.20
C LYS B 198 20.24 -19.83 -3.11
N ALA B 199 19.11 -19.50 -2.49
CA ALA B 199 18.52 -20.37 -1.45
C ALA B 199 17.92 -21.69 -1.94
N GLY B 200 17.83 -21.91 -3.25
CA GLY B 200 17.41 -23.23 -3.77
C GLY B 200 16.01 -23.30 -4.36
N LEU B 201 15.30 -22.17 -4.40
CA LEU B 201 13.92 -22.12 -4.93
C LEU B 201 13.89 -22.30 -6.44
N THR B 202 12.89 -23.05 -6.95
CA THR B 202 12.65 -23.15 -8.39
C THR B 202 12.12 -21.82 -8.90
N LEU B 203 12.11 -21.65 -10.21
CA LEU B 203 11.67 -20.39 -10.80
C LEU B 203 10.27 -20.07 -10.31
N GLN B 204 9.41 -21.07 -10.32
CA GLN B 204 8.02 -20.85 -9.94
C GLN B 204 7.98 -20.32 -8.51
N GLN B 205 8.67 -21.02 -7.63
CA GLN B 205 8.75 -20.62 -6.25
C GLN B 205 9.39 -19.24 -6.12
N GLN B 206 10.34 -18.92 -6.98
CA GLN B 206 10.96 -17.58 -6.96
C GLN B 206 9.90 -16.51 -7.24
N HIS B 207 9.16 -16.63 -8.35
CA HIS B 207 8.19 -15.59 -8.68
CA HIS B 207 8.14 -15.64 -8.71
C HIS B 207 7.07 -15.56 -7.63
N GLN B 208 6.67 -16.73 -7.13
CA GLN B 208 5.65 -16.79 -6.10
C GLN B 208 6.09 -16.08 -4.84
N ARG B 209 7.32 -16.32 -4.40
CA ARG B 209 7.76 -15.72 -3.18
C ARG B 209 7.93 -14.20 -3.37
N LEU B 210 8.42 -13.81 -4.54
CA LEU B 210 8.58 -12.38 -4.87
C LEU B 210 7.25 -11.64 -4.67
N ALA B 211 6.19 -12.23 -5.21
CA ALA B 211 4.86 -11.64 -5.09
C ALA B 211 4.38 -11.55 -3.64
N GLN B 212 4.53 -12.62 -2.88
CA GLN B 212 4.11 -12.62 -1.47
C GLN B 212 4.78 -11.48 -0.72
N LEU B 213 6.10 -11.31 -0.96
CA LEU B 213 6.83 -10.26 -0.26
C LEU B 213 6.39 -8.86 -0.67
N LEU B 214 6.26 -8.65 -1.98
CA LEU B 214 5.78 -7.34 -2.46
C LEU B 214 4.33 -7.03 -2.05
N LEU B 215 3.48 -8.06 -1.95
CA LEU B 215 2.12 -7.82 -1.48
C LEU B 215 2.06 -7.39 -0.02
N ILE B 216 3.02 -7.84 0.78
CA ILE B 216 3.06 -7.42 2.19
C ILE B 216 3.34 -5.90 2.32
N LEU B 217 4.03 -5.34 1.33
CA LEU B 217 4.31 -3.90 1.33
C LEU B 217 3.06 -3.05 1.26
N SER B 218 1.99 -3.58 0.68
CA SER B 218 0.72 -2.86 0.62
CA SER B 218 0.70 -2.88 0.62
C SER B 218 0.08 -2.81 2.00
N HIS B 219 0.28 -3.86 2.76
CA HIS B 219 -0.19 -3.91 4.14
C HIS B 219 0.63 -2.93 4.98
N ILE B 220 1.93 -2.85 4.73
CA ILE B 220 2.80 -1.89 5.45
C ILE B 220 2.39 -0.45 5.19
N ARG B 221 2.07 -0.14 3.93
CA ARG B 221 1.48 1.13 3.57
C ARG B 221 0.21 1.41 4.37
N HIS B 222 -0.68 0.42 4.44
CA HIS B 222 -1.93 0.56 5.17
C HIS B 222 -1.68 0.85 6.64
N MET B 223 -0.76 0.12 7.25
CA MET B 223 -0.40 0.39 8.67
C MET B 223 0.22 1.76 8.93
N SER B 224 1.08 2.20 8.03
CA SER B 224 1.68 3.51 8.09
C SER B 224 0.65 4.62 8.06
N ASN B 225 -0.34 4.53 7.18
CA ASN B 225 -1.40 5.54 7.10
C ASN B 225 -2.24 5.58 8.37
N LYS B 226 -2.59 4.40 8.88
CA LYS B 226 -3.28 4.29 10.17
C LYS B 226 -2.44 4.89 11.30
N GLY B 227 -1.17 4.49 11.35
CA GLY B 227 -0.25 5.00 12.34
C GLY B 227 -0.08 6.51 12.28
N MET B 228 -0.05 7.07 11.08
CA MET B 228 0.11 8.50 10.90
C MET B 228 -1.12 9.25 11.43
N GLU B 229 -2.31 8.75 11.11
CA GLU B 229 -3.54 9.32 11.67
C GLU B 229 -3.54 9.17 13.19
N HIS B 230 -3.04 8.05 13.68
CA HIS B 230 -2.92 7.90 15.15
C HIS B 230 -1.94 8.90 15.76
N LEU B 231 -0.77 9.08 15.14
CA LEU B 231 0.22 10.01 15.70
C LEU B 231 -0.31 11.44 15.70
N TYR B 232 -1.01 11.80 14.64
CA TYR B 232 -1.59 13.13 14.50
C TYR B 232 -2.62 13.32 15.59
N SER B 233 -3.37 12.27 15.85
CA SER B 233 -4.38 12.28 16.89
C SER B 233 -3.75 12.63 18.24
N MET B 234 -2.65 11.96 18.58
CA MET B 234 -1.92 12.23 19.82
C MET B 234 -1.37 13.65 19.87
N LYS B 235 -0.94 14.17 18.73
CA LYS B 235 -0.46 15.55 18.67
C LYS B 235 -1.57 16.54 19.05
N CYS B 236 -2.72 16.41 18.40
CA CYS B 236 -3.84 17.33 18.59
C CYS B 236 -4.39 17.30 20.00
N LYS B 237 -4.22 16.16 20.66
CA LYS B 237 -4.69 15.98 22.04
C LYS B 237 -3.60 16.33 23.07
N ASN B 238 -2.43 16.72 22.59
CA ASN B 238 -1.30 17.08 23.44
C ASN B 238 -0.89 15.96 24.40
N VAL B 239 -1.09 14.72 23.99
CA VAL B 239 -0.77 13.58 24.85
C VAL B 239 0.74 13.54 25.10
N VAL B 240 1.50 13.94 24.09
CA VAL B 240 2.95 13.87 24.14
C VAL B 240 3.52 15.03 23.33
N PRO B 241 4.59 15.66 23.83
CA PRO B 241 5.32 16.62 23.02
C PRO B 241 6.17 15.87 21.99
N LEU B 242 6.17 16.36 20.76
CA LEU B 242 6.91 15.70 19.68
C LEU B 242 8.05 16.56 19.19
N SER B 243 9.19 15.94 18.91
CA SER B 243 10.34 16.68 18.40
C SER B 243 9.93 17.43 17.15
N ASP B 244 10.64 18.52 16.86
CA ASP B 244 10.33 19.29 15.67
C ASP B 244 10.57 18.48 14.38
N LEU B 245 11.49 17.53 14.42
CA LEU B 245 11.75 16.67 13.26
C LEU B 245 10.51 15.80 12.99
N LEU B 246 10.04 15.11 14.03
CA LEU B 246 8.79 14.35 13.94
CA LEU B 246 8.79 14.35 13.94
C LEU B 246 7.64 15.21 13.46
N LEU B 247 7.54 16.43 13.98
CA LEU B 247 6.44 17.28 13.58
C LEU B 247 6.54 17.65 12.09
N GLU B 248 7.74 17.75 11.57
CA GLU B 248 7.90 18.09 10.16
C GLU B 248 7.62 16.85 9.29
N MET B 249 8.08 15.68 9.75
CA MET B 249 7.83 14.41 9.06
C MET B 249 6.33 14.12 9.00
N LEU B 250 5.63 14.47 10.08
CA LEU B 250 4.18 14.30 10.16
C LEU B 250 3.44 15.36 9.35
N ASP B 251 3.94 16.59 9.39
CA ASP B 251 3.40 17.70 8.59
C ASP B 251 3.45 17.45 7.07
N ALA B 252 4.36 16.60 6.60
CA ALA B 252 4.45 16.36 5.17
C ALA B 252 3.25 15.54 4.67
N HIS B 253 2.44 14.98 5.57
CA HIS B 253 1.30 14.13 5.15
C HIS B 253 -0.08 14.81 5.21
N ARG B 254 -0.23 15.87 5.99
CA ARG B 254 -1.51 16.60 6.03
C ARG B 254 -2.68 15.64 6.28
N LEU B 255 -2.88 15.24 7.52
CA LEU B 255 -3.82 14.18 7.88
CA LEU B 255 -3.82 14.17 7.86
C LEU B 255 -5.25 14.70 8.12
N HIS B 256 -6.07 13.93 8.84
CA HIS B 256 -7.46 14.34 9.11
C HIS B 256 -7.75 14.38 10.59
N ALA B 257 -8.29 15.51 11.03
CA ALA B 257 -8.69 15.70 12.44
C ALA B 257 -10.01 15.00 12.76
N PRO B 258 -10.13 14.45 13.99
CA PRO B 258 -11.43 13.96 14.53
C PRO B 258 -12.33 15.09 15.01
N LYS C 1 -25.94 -11.81 9.42
CA LYS C 1 -27.06 -11.88 8.42
C LYS C 1 -27.85 -10.56 8.32
N HIS C 2 -27.26 -9.47 8.83
CA HIS C 2 -27.95 -8.17 8.89
C HIS C 2 -27.31 -7.13 7.97
N LYS C 3 -26.00 -7.25 7.75
CA LYS C 3 -25.35 -6.34 6.84
C LYS C 3 -26.00 -6.49 5.47
N ILE C 4 -26.10 -5.39 4.75
CA ILE C 4 -26.58 -5.40 3.38
C ILE C 4 -25.64 -6.21 2.50
N LEU C 5 -24.34 -6.06 2.73
CA LEU C 5 -23.35 -6.74 1.92
C LEU C 5 -23.49 -8.24 2.06
N HIS C 6 -23.77 -8.67 3.29
CA HIS C 6 -23.95 -10.08 3.60
C HIS C 6 -25.15 -10.62 2.82
N ARG C 7 -26.24 -9.87 2.79
CA ARG C 7 -27.43 -10.28 2.08
C ARG C 7 -27.17 -10.46 0.60
N LEU C 8 -26.49 -9.48 0.01
CA LEU C 8 -26.19 -9.47 -1.42
C LEU C 8 -25.19 -10.56 -1.80
N LEU C 9 -24.28 -10.87 -0.90
CA LEU C 9 -23.37 -12.00 -1.11
C LEU C 9 -24.07 -13.35 -1.14
N GLN C 10 -25.23 -13.44 -0.49
CA GLN C 10 -25.97 -14.70 -0.37
C GLN C 10 -26.77 -15.10 -1.60
N ASP C 11 -27.38 -14.13 -2.29
CA ASP C 11 -28.17 -14.43 -3.50
C ASP C 11 -27.60 -15.59 -4.29
N LYS D 1 12.61 26.73 1.65
CA LYS D 1 12.01 26.29 2.94
C LYS D 1 13.08 25.67 3.85
N HIS D 2 12.96 25.95 5.15
CA HIS D 2 13.89 25.44 6.13
C HIS D 2 13.39 24.13 6.74
N LYS D 3 14.14 23.06 6.53
CA LYS D 3 13.77 21.75 7.07
C LYS D 3 14.92 21.10 7.82
N ILE D 4 14.61 20.56 8.99
CA ILE D 4 15.57 19.75 9.72
C ILE D 4 16.12 18.67 8.80
N LEU D 5 15.27 18.12 7.95
CA LEU D 5 15.64 17.08 7.00
C LEU D 5 16.69 17.53 5.97
N HIS D 6 16.59 18.77 5.52
CA HIS D 6 17.66 19.36 4.68
C HIS D 6 18.99 19.25 5.38
N ARG D 7 19.05 19.70 6.62
CA ARG D 7 20.28 19.69 7.37
C ARG D 7 20.82 18.27 7.55
N LEU D 8 19.94 17.34 7.91
CA LEU D 8 20.41 15.95 8.14
C LEU D 8 20.86 15.27 6.87
N LEU D 9 20.15 15.50 5.79
CA LEU D 9 20.54 14.97 4.50
C LEU D 9 21.88 15.54 4.07
N GLN D 10 22.06 16.85 4.24
CA GLN D 10 23.32 17.48 3.83
C GLN D 10 24.52 17.05 4.68
N ASP D 11 24.29 16.75 5.95
CA ASP D 11 25.38 16.39 6.85
C ASP D 11 25.52 14.89 7.06
N SER D 12 25.02 14.10 6.12
CA SER D 12 24.92 12.66 6.34
C SER D 12 26.28 11.98 6.32
N SER D 13 26.39 10.87 7.02
CA SER D 13 27.65 10.12 7.12
C SER D 13 27.41 8.67 7.53
C2 ESL E . -15.33 7.93 -6.25
C3 ESL E . -16.51 8.07 -5.29
C4 ESL E . -16.26 9.26 -4.36
C5 ESL E . -14.92 9.13 -3.62
C6 ESL E . -14.98 7.99 -2.63
C7 ESL E . -14.43 10.38 -2.91
O1 ESL E . -15.09 10.61 -1.67
C8 ESL E . -12.93 10.09 -2.72
O2 ESL E . -12.12 11.27 -2.80
C9 ESL E . -12.53 9.09 -3.81
C10 ESL E . -13.80 8.97 -4.64
C12 ESL E . -14.00 7.75 -5.50
C14 ESL E . -12.84 7.59 -6.48
C15 ESL E . -12.99 6.28 -7.21
C16 ESL E . -14.40 6.10 -7.74
C17 ESL E . -14.57 5.14 -8.70
C18 ESL E . -15.82 4.90 -9.23
O3 ESL E . -15.97 3.94 -10.16
C19 ESL E . -16.91 5.64 -8.80
C20 ESL E . -16.74 6.61 -7.82
C21 ESL E . -15.49 6.85 -7.27
CL CL F . -26.76 1.32 -13.68
CL CL G . -21.20 25.03 -4.22
CL CL H . 15.03 -15.68 -21.07
CL CL I . -3.64 24.05 -7.56
C2 ESL J . 6.20 3.96 16.71
C3 ESL J . 6.18 5.44 17.13
C4 ESL J . 4.76 5.88 17.59
C5 ESL J . 3.71 5.58 16.53
C6 ESL J . 3.93 6.50 15.34
C7 ESL J . 2.25 5.66 16.95
O1 ESL J . 1.73 7.00 17.00
C8 ESL J . 1.53 4.81 15.90
O2 ESL J . 0.40 4.14 16.45
C9 ESL J . 2.58 3.85 15.32
C10 ESL J . 3.80 4.11 16.18
C12 ESL J . 5.16 3.71 15.64
C14 ESL J . 5.19 2.27 15.19
C15 ESL J . 6.51 1.98 14.51
C16 ESL J . 7.68 2.44 15.38
C17 ESL J . 8.93 1.91 15.09
C18 ESL J . 10.05 2.30 15.80
O3 ESL J . 11.26 1.77 15.50
C19 ESL J . 9.94 3.24 16.81
C20 ESL J . 8.67 3.79 17.09
C21 ESL J . 7.54 3.39 16.36
#